data_2H0U
#
_entry.id   2H0U
#
_cell.length_a   54.035
_cell.length_b   87.178
_cell.length_c   94.979
_cell.angle_alpha   90.00
_cell.angle_beta   90.00
_cell.angle_gamma   90.00
#
_symmetry.space_group_name_H-M   'C 2 2 21'
#
loop_
_entity.id
_entity.type
_entity.pdbx_description
1 polymer 'NADPH-flavin oxidoreductase'
2 non-polymer 'FLAVIN MONONUCLEOTIDE'
3 water water
#
_entity_poly.entity_id   1
_entity_poly.type   'polypeptide(L)'
_entity_poly.pdbx_seq_one_letter_code
;(MSE)DREQVVALQHQRFAAKKYDPNRRISQKDWEALVEVGRLAPSSIGLEPWK(MSE)LLLKNER(MSE)KEDLKP
(MSE)AWGALFGLEGASHFVIYLARKGVTYDSDYVKKV(MSE)HEVKKRDYDTNSRFAQIIKNFQEND(MSE)KLNSERS
LFDWASKQTYIQ(MSE)AN(MSE)(MSE)(MSE)AAA(MSE)LGIDSCPIEGYDQEKVEAYLEEKGYLNTAEFGVSV
(MSE)ACFGYRNQEITPKTRWKTEVIYEVIE
;
_entity_poly.pdbx_strand_id   A
#
loop_
_chem_comp.id
_chem_comp.type
_chem_comp.name
_chem_comp.formula
FMN non-polymer 'FLAVIN MONONUCLEOTIDE' 'C17 H21 N4 O9 P'
#
# COMPACT_ATOMS: atom_id res chain seq x y z
N ASP A 2 -25.29 8.07 1.62
CA ASP A 2 -25.57 8.76 0.33
C ASP A 2 -24.35 9.52 -0.19
N ARG A 3 -24.48 10.14 -1.34
CA ARG A 3 -23.32 10.77 -1.98
C ARG A 3 -22.79 11.94 -1.14
N GLU A 4 -23.69 12.63 -0.44
CA GLU A 4 -23.28 13.76 0.42
C GLU A 4 -22.33 13.27 1.51
N GLN A 5 -22.66 12.11 2.08
CA GLN A 5 -21.89 11.50 3.14
C GLN A 5 -20.56 10.99 2.58
N VAL A 6 -20.60 10.40 1.40
CA VAL A 6 -19.39 9.91 0.75
C VAL A 6 -18.41 11.06 0.50
N VAL A 7 -18.88 12.16 -0.06
CA VAL A 7 -18.00 13.33 -0.30
C VAL A 7 -17.50 13.93 1.02
N ALA A 8 -18.39 14.06 2.02
CA ALA A 8 -17.98 14.54 3.35
C ALA A 8 -16.79 13.77 3.95
N LEU A 9 -16.82 12.46 3.82
CA LEU A 9 -15.73 11.62 4.31
C LEU A 9 -14.37 11.99 3.71
N GLN A 10 -14.38 12.44 2.46
CA GLN A 10 -13.15 12.79 1.78
C GLN A 10 -12.54 14.05 2.37
N HIS A 11 -13.36 14.86 3.05
CA HIS A 11 -12.88 16.07 3.76
C HIS A 11 -12.41 15.74 5.18
N GLN A 12 -13.12 14.80 5.81
CA GLN A 12 -12.71 14.22 7.10
C GLN A 12 -11.33 13.57 7.04
N ARG A 13 -11.05 12.85 5.94
CA ARG A 13 -9.75 12.22 5.74
C ARG A 13 -8.80 13.36 5.33
N PHE A 14 -7.82 13.68 6.17
CA PHE A 14 -6.84 14.69 5.81
C PHE A 14 -5.50 14.23 6.38
N ALA A 15 -4.44 14.91 5.99
CA ALA A 15 -3.12 14.50 6.46
C ALA A 15 -2.90 15.08 7.86
N ALA A 16 -3.25 14.27 8.87
CA ALA A 16 -3.12 14.71 10.26
C ALA A 16 -1.67 14.74 10.68
N LYS A 17 -1.21 15.91 11.13
CA LYS A 17 0.20 16.05 11.58
C LYS A 17 0.37 16.12 13.09
N LYS A 18 -0.72 16.41 13.81
CA LYS A 18 -0.72 16.51 15.27
C LYS A 18 -1.73 15.53 15.89
N TYR A 19 -1.23 14.68 16.79
CA TYR A 19 -1.99 13.56 17.30
C TYR A 19 -2.14 13.65 18.80
N ASP A 20 -3.27 13.14 19.28
CA ASP A 20 -3.58 13.13 20.68
C ASP A 20 -2.76 12.02 21.34
N PRO A 21 -1.75 12.37 22.18
CA PRO A 21 -0.87 11.31 22.69
C PRO A 21 -1.57 10.47 23.75
N ASN A 22 -2.75 10.87 24.19
CA ASN A 22 -3.43 10.09 25.22
C ASN A 22 -4.63 9.27 24.74
N ARG A 23 -4.76 9.10 23.43
CA ARG A 23 -5.88 8.32 22.92
C ARG A 23 -5.29 7.32 21.93
N ARG A 24 -5.45 6.03 22.16
CA ARG A 24 -4.91 5.07 21.21
C ARG A 24 -6.02 4.31 20.49
N ILE A 25 -5.67 3.80 19.32
CA ILE A 25 -6.60 3.00 18.54
C ILE A 25 -6.76 1.70 19.31
N SER A 26 -7.99 1.24 19.49
CA SER A 26 -8.25 0.02 20.24
C SER A 26 -7.71 -1.20 19.50
N GLN A 27 -7.42 -2.26 20.26
CA GLN A 27 -6.93 -3.48 19.64
C GLN A 27 -7.83 -3.97 18.51
N LYS A 28 -9.14 -3.95 18.76
CA LYS A 28 -10.05 -4.46 17.75
C LYS A 28 -10.14 -3.56 16.51
N ASP A 29 -10.15 -2.23 16.70
CA ASP A 29 -10.15 -1.31 15.55
C ASP A 29 -8.86 -1.51 14.74
N TRP A 30 -7.72 -1.67 15.42
CA TRP A 30 -6.46 -1.84 14.68
C TRP A 30 -6.48 -3.14 13.86
N GLU A 31 -7.01 -4.21 14.43
CA GLU A 31 -7.05 -5.51 13.74
C GLU A 31 -7.94 -5.36 12.52
N ALA A 32 -9.00 -4.58 12.62
CA ALA A 32 -9.87 -4.37 11.44
C ALA A 32 -9.14 -3.62 10.33
N LEU A 33 -8.35 -2.63 10.70
CA LEU A 33 -7.60 -1.86 9.70
C LEU A 33 -6.56 -2.73 9.01
N VAL A 34 -5.91 -3.61 9.76
CA VAL A 34 -4.91 -4.52 9.15
C VAL A 34 -5.63 -5.45 8.17
N GLU A 35 -6.81 -5.90 8.58
CA GLU A 35 -7.67 -6.69 7.68
C GLU A 35 -8.03 -5.95 6.39
N VAL A 36 -8.38 -4.67 6.49
CA VAL A 36 -8.58 -3.83 5.29
C VAL A 36 -7.36 -3.92 4.36
N GLY A 37 -6.16 -3.82 4.93
CA GLY A 37 -4.89 -3.90 4.19
C GLY A 37 -4.72 -5.27 3.58
N ARG A 38 -5.01 -6.32 4.36
CA ARG A 38 -4.97 -7.72 3.83
C ARG A 38 -5.89 -7.94 2.60
N LEU A 39 -7.04 -7.32 2.63
CA LEU A 39 -8.07 -7.53 1.59
C LEU A 39 -7.93 -6.62 0.40
N ALA A 40 -6.94 -5.72 0.39
CA ALA A 40 -6.76 -4.86 -0.77
C ALA A 40 -6.53 -5.62 -2.08
N PRO A 41 -7.02 -5.07 -3.22
CA PRO A 41 -6.74 -5.69 -4.55
C PRO A 41 -5.36 -5.36 -5.03
N SER A 42 -4.86 -6.18 -5.95
CA SER A 42 -3.56 -5.94 -6.54
C SER A 42 -3.58 -6.49 -7.95
N SER A 43 -2.71 -5.97 -8.81
CA SER A 43 -2.63 -6.45 -10.18
C SER A 43 -2.32 -7.96 -10.20
N ILE A 44 -3.16 -8.72 -10.92
CA ILE A 44 -3.04 -10.18 -11.11
C ILE A 44 -3.28 -10.90 -9.78
N GLY A 45 -3.90 -10.19 -8.84
CA GLY A 45 -4.01 -10.67 -7.47
C GLY A 45 -2.75 -11.16 -6.74
N LEU A 46 -1.59 -10.60 -7.07
CA LEU A 46 -0.32 -11.19 -6.59
C LEU A 46 0.00 -10.79 -5.15
N GLU A 47 -0.70 -9.76 -4.62
CA GLU A 47 -0.44 -9.27 -3.24
C GLU A 47 1.06 -9.14 -2.98
N PRO A 48 1.77 -8.32 -3.80
CA PRO A 48 3.22 -8.37 -3.73
C PRO A 48 3.77 -7.48 -2.62
N TRP A 49 3.34 -7.77 -1.39
CA TRP A 49 3.50 -6.84 -0.29
C TRP A 49 3.68 -7.50 1.08
N LYS A 50 4.16 -6.72 2.04
CA LYS A 50 4.12 -7.15 3.43
C LYS A 50 4.16 -5.88 4.26
N MSE A 51 3.29 -5.80 5.27
CA MSE A 51 3.25 -4.61 6.15
C MSE A 51 3.98 -4.86 7.47
O MSE A 51 3.80 -5.94 8.07
CB MSE A 51 1.78 -4.32 6.49
CG MSE A 51 1.00 -3.82 5.25
SE MSE A 51 -0.86 -3.45 5.66
CE MSE A 51 -1.45 -5.27 5.93
N LEU A 52 4.66 -3.84 8.00
CA LEU A 52 5.28 -3.92 9.31
C LEU A 52 4.69 -2.85 10.20
N LEU A 53 4.28 -3.26 11.41
CA LEU A 53 3.93 -2.28 12.46
C LEU A 53 5.16 -1.94 13.29
N LEU A 54 5.58 -0.68 13.23
CA LEU A 54 6.72 -0.25 14.02
C LEU A 54 6.18 0.10 15.40
N LYS A 55 6.23 -0.89 16.29
CA LYS A 55 5.79 -0.72 17.67
C LYS A 55 7.00 -0.35 18.53
N ASN A 56 8.14 -0.97 18.23
CA ASN A 56 9.38 -0.82 19.00
C ASN A 56 9.78 0.64 19.25
N ALA A 77 1.67 9.49 16.85
CA ALA A 77 0.51 8.70 16.40
C ALA A 77 0.46 7.34 17.11
N SER A 78 -0.72 6.75 17.05
CA SER A 78 -0.99 5.50 17.73
C SER A 78 -0.27 4.30 17.08
N HIS A 79 -0.29 4.25 15.75
CA HIS A 79 0.22 3.11 15.02
C HIS A 79 1.01 3.56 13.78
N PHE A 80 2.20 3.02 13.60
CA PHE A 80 3.02 3.44 12.50
C PHE A 80 3.35 2.25 11.55
N VAL A 81 2.94 2.32 10.28
CA VAL A 81 3.04 1.17 9.35
C VAL A 81 4.11 1.42 8.27
N ILE A 82 4.98 0.44 8.04
CA ILE A 82 5.92 0.51 6.93
C ILE A 82 5.45 -0.52 5.92
N TYR A 83 5.07 -0.02 4.74
CA TYR A 83 4.60 -0.90 3.65
C TYR A 83 5.78 -1.36 2.83
N LEU A 84 6.00 -2.66 2.75
CA LEU A 84 7.02 -3.25 1.88
C LEU A 84 6.36 -3.79 0.62
N ALA A 85 7.11 -3.71 -0.48
CA ALA A 85 6.71 -4.24 -1.77
C ALA A 85 7.77 -5.26 -2.22
N ARG A 86 7.32 -6.34 -2.83
CA ARG A 86 8.27 -7.36 -3.26
C ARG A 86 9.02 -6.97 -4.53
N LYS A 87 10.27 -7.41 -4.60
CA LYS A 87 11.14 -7.22 -5.72
C LYS A 87 11.08 -8.43 -6.64
N GLY A 88 11.29 -8.17 -7.93
CA GLY A 88 11.47 -9.20 -8.97
C GLY A 88 10.25 -10.10 -9.10
N VAL A 89 9.07 -9.49 -9.13
CA VAL A 89 7.81 -10.27 -9.13
C VAL A 89 7.46 -10.47 -10.61
N THR A 90 8.07 -11.50 -11.18
CA THR A 90 8.04 -11.77 -12.64
C THR A 90 7.35 -13.11 -12.88
N TYR A 91 6.99 -13.39 -14.14
CA TYR A 91 6.22 -14.57 -14.48
C TYR A 91 6.91 -15.85 -14.05
N ASP A 92 8.23 -15.83 -14.04
CA ASP A 92 9.05 -17.00 -13.73
C ASP A 92 9.59 -16.97 -12.31
N SER A 93 9.09 -16.05 -11.48
CA SER A 93 9.65 -15.92 -10.15
C SER A 93 9.06 -16.98 -9.18
N ASP A 94 9.84 -17.35 -8.18
CA ASP A 94 9.36 -18.27 -7.13
C ASP A 94 8.08 -17.71 -6.45
N TYR A 95 8.03 -16.39 -6.19
CA TYR A 95 6.90 -15.81 -5.46
C TYR A 95 5.59 -15.94 -6.25
N VAL A 96 5.63 -15.65 -7.55
CA VAL A 96 4.43 -15.74 -8.38
C VAL A 96 3.91 -17.20 -8.40
N LYS A 97 4.82 -18.16 -8.60
CA LYS A 97 4.42 -19.57 -8.57
C LYS A 97 3.79 -19.86 -7.19
N LYS A 98 4.40 -19.34 -6.13
CA LYS A 98 3.89 -19.56 -4.77
C LYS A 98 2.51 -19.00 -4.49
N VAL A 99 2.26 -17.74 -4.80
CA VAL A 99 0.96 -17.14 -4.56
C VAL A 99 -0.13 -17.83 -5.45
N MSE A 100 0.21 -18.17 -6.69
CA MSE A 100 -0.76 -18.79 -7.57
C MSE A 100 -1.23 -20.15 -7.02
O MSE A 100 -2.43 -20.48 -7.10
CB MSE A 100 -0.13 -18.99 -8.96
CG MSE A 100 0.01 -17.74 -9.77
SE MSE A 100 -1.72 -16.90 -10.18
CE MSE A 100 -2.89 -18.38 -10.18
N HIS A 101 -0.29 -20.93 -6.46
CA HIS A 101 -0.60 -22.24 -5.87
C HIS A 101 -1.29 -22.03 -4.53
N GLU A 102 -0.63 -21.35 -3.59
CA GLU A 102 -1.11 -21.35 -2.20
C GLU A 102 -2.38 -20.51 -1.99
N VAL A 103 -2.47 -19.37 -2.66
CA VAL A 103 -3.61 -18.50 -2.44
C VAL A 103 -4.69 -18.77 -3.47
N LYS A 104 -4.29 -18.81 -4.73
CA LYS A 104 -5.25 -18.91 -5.84
C LYS A 104 -5.62 -20.36 -6.17
N LYS A 105 -4.81 -21.30 -5.68
CA LYS A 105 -5.05 -22.73 -5.91
C LYS A 105 -5.13 -23.00 -7.40
N ARG A 106 -4.19 -22.39 -8.11
CA ARG A 106 -4.02 -22.56 -9.55
C ARG A 106 -2.74 -23.38 -9.76
N ASP A 107 -2.82 -24.38 -10.63
CA ASP A 107 -1.67 -25.23 -10.92
C ASP A 107 -0.66 -24.55 -11.87
N TYR A 108 -0.07 -23.46 -11.39
CA TYR A 108 0.70 -22.54 -12.22
C TYR A 108 2.07 -23.06 -12.61
N ASP A 109 2.47 -22.87 -13.85
CA ASP A 109 3.84 -23.17 -14.29
C ASP A 109 4.27 -22.24 -15.42
N THR A 110 5.57 -22.04 -15.55
CA THR A 110 6.10 -20.95 -16.38
C THR A 110 5.80 -21.09 -17.88
N ASN A 111 5.43 -22.29 -18.30
CA ASN A 111 5.16 -22.56 -19.70
C ASN A 111 3.68 -22.57 -20.08
N SER A 112 2.81 -22.25 -19.13
CA SER A 112 1.38 -22.17 -19.44
C SER A 112 1.07 -20.95 -20.29
N ARG A 113 -0.03 -21.01 -21.04
CA ARG A 113 -0.60 -19.83 -21.68
C ARG A 113 -0.65 -18.65 -20.67
N PHE A 114 -1.19 -18.91 -19.48
CA PHE A 114 -1.36 -17.86 -18.46
C PHE A 114 -0.05 -17.23 -17.97
N ALA A 115 0.97 -18.05 -17.70
CA ALA A 115 2.32 -17.56 -17.40
C ALA A 115 2.85 -16.68 -18.53
N GLN A 116 2.60 -17.11 -19.77
CA GLN A 116 3.04 -16.34 -20.93
C GLN A 116 2.25 -15.01 -21.08
N ILE A 117 1.00 -15.01 -20.65
CA ILE A 117 0.20 -13.77 -20.64
C ILE A 117 0.78 -12.77 -19.63
N ILE A 118 1.16 -13.27 -18.45
CA ILE A 118 1.82 -12.48 -17.44
C ILE A 118 3.15 -11.94 -17.96
N LYS A 119 3.94 -12.82 -18.57
CA LYS A 119 5.19 -12.40 -19.15
C LYS A 119 5.00 -11.23 -20.16
N ASN A 120 4.12 -11.41 -21.13
CA ASN A 120 3.87 -10.34 -22.12
C ASN A 120 3.35 -9.05 -21.49
N PHE A 121 2.41 -9.21 -20.57
CA PHE A 121 1.83 -8.07 -19.86
C PHE A 121 2.91 -7.24 -19.19
N GLN A 122 3.78 -7.88 -18.41
CA GLN A 122 4.83 -7.15 -17.70
C GLN A 122 5.94 -6.57 -18.59
N GLU A 123 6.50 -7.41 -19.46
CA GLU A 123 7.64 -7.06 -20.30
C GLU A 123 7.27 -6.07 -21.41
N ASN A 124 6.10 -6.27 -22.02
CA ASN A 124 5.72 -5.50 -23.20
C ASN A 124 4.63 -4.50 -22.95
N ASP A 125 3.51 -4.95 -22.41
CA ASP A 125 2.40 -4.00 -22.13
C ASP A 125 2.84 -2.92 -21.16
N MSE A 126 3.53 -3.30 -20.09
CA MSE A 126 3.90 -2.37 -19.01
C MSE A 126 5.38 -1.95 -18.94
O MSE A 126 5.77 -1.12 -18.10
CB MSE A 126 3.46 -2.95 -17.65
CG MSE A 126 2.03 -3.34 -17.66
SE MSE A 126 1.16 -3.10 -15.93
CE MSE A 126 2.34 -1.87 -14.99
N LYS A 127 6.18 -2.52 -19.82
CA LYS A 127 7.60 -2.19 -19.93
C LYS A 127 8.31 -2.36 -18.59
N LEU A 128 8.05 -3.47 -17.91
CA LEU A 128 8.71 -3.76 -16.61
C LEU A 128 9.96 -4.56 -16.92
N ASN A 129 11.00 -3.82 -17.28
CA ASN A 129 12.21 -4.43 -17.84
C ASN A 129 13.46 -4.23 -17.02
N SER A 130 13.31 -3.80 -15.78
CA SER A 130 14.46 -3.57 -14.91
C SER A 130 14.05 -3.91 -13.50
N GLU A 131 15.02 -4.11 -12.63
CA GLU A 131 14.67 -4.34 -11.23
C GLU A 131 13.87 -3.17 -10.62
N ARG A 132 14.27 -1.94 -10.92
CA ARG A 132 13.56 -0.78 -10.38
C ARG A 132 12.13 -0.65 -10.91
N SER A 133 11.91 -0.85 -12.22
CA SER A 133 10.56 -0.74 -12.77
C SER A 133 9.63 -1.81 -12.18
N LEU A 134 10.18 -3.01 -11.97
CA LEU A 134 9.40 -4.12 -11.36
C LEU A 134 9.05 -3.79 -9.93
N PHE A 135 10.03 -3.29 -9.19
CA PHE A 135 9.79 -2.89 -7.80
C PHE A 135 8.74 -1.77 -7.71
N ASP A 136 8.87 -0.74 -8.54
CA ASP A 136 7.89 0.36 -8.48
C ASP A 136 6.49 -0.08 -8.88
N TRP A 137 6.39 -1.06 -9.78
CA TRP A 137 5.09 -1.67 -10.11
C TRP A 137 4.41 -2.34 -8.89
N ALA A 138 5.17 -3.12 -8.13
CA ALA A 138 4.67 -3.73 -6.90
C ALA A 138 4.34 -2.66 -5.88
N SER A 139 5.20 -1.63 -5.83
CA SER A 139 4.96 -0.48 -4.91
C SER A 139 3.64 0.25 -5.19
N LYS A 140 3.31 0.45 -6.46
CA LYS A 140 1.98 0.99 -6.81
C LYS A 140 0.82 0.22 -6.13
N GLN A 141 0.93 -1.11 -6.11
CA GLN A 141 -0.13 -1.94 -5.52
C GLN A 141 -0.22 -1.60 -4.02
N THR A 142 0.91 -1.41 -3.36
CA THR A 142 0.88 -1.03 -1.94
C THR A 142 0.24 0.32 -1.69
N TYR A 143 0.23 1.20 -2.69
CA TYR A 143 -0.43 2.50 -2.46
C TYR A 143 -1.94 2.29 -2.36
N ILE A 144 -2.47 1.33 -3.13
CA ILE A 144 -3.90 0.92 -2.98
C ILE A 144 -4.13 0.42 -1.55
N GLN A 145 -3.26 -0.47 -1.11
CA GLN A 145 -3.39 -1.08 0.21
C GLN A 145 -3.41 0.03 1.28
N MSE A 146 -2.46 0.96 1.19
CA MSE A 146 -2.38 2.07 2.17
C MSE A 146 -3.59 2.99 2.06
O MSE A 146 -4.17 3.40 3.09
CB MSE A 146 -1.06 2.86 1.96
CG MSE A 146 -1.03 4.13 2.78
SE MSE A 146 0.50 5.28 2.38
CE MSE A 146 -0.01 5.91 0.60
N ALA A 147 -4.00 3.32 0.83
CA ALA A 147 -5.20 4.17 0.61
C ALA A 147 -6.46 3.56 1.26
N ASN A 148 -6.68 2.26 1.03
CA ASN A 148 -7.83 1.59 1.57
C ASN A 148 -7.82 1.68 3.12
N MSE A 149 -6.65 1.47 3.72
CA MSE A 149 -6.53 1.60 5.18
C MSE A 149 -6.84 3.02 5.67
O MSE A 149 -7.53 3.20 6.66
CB MSE A 149 -5.12 1.17 5.64
CG MSE A 149 -4.98 -0.37 5.46
SE MSE A 149 -3.26 -1.01 6.11
CE MSE A 149 -3.42 -0.59 8.07
N MSE A 150 -6.30 4.05 5.01
CA MSE A 150 -6.61 5.42 5.42
C MSE A 150 -8.09 5.73 5.29
O MSE A 150 -8.67 6.39 6.15
CB MSE A 150 -5.80 6.43 4.61
CG MSE A 150 -4.35 6.18 4.91
SE MSE A 150 -3.30 7.64 4.11
CE MSE A 150 -3.59 7.24 2.27
N MSE A 151 -8.71 5.24 4.20
CA MSE A 151 -10.11 5.53 4.03
C MSE A 151 -10.98 4.77 5.07
O MSE A 151 -11.93 5.33 5.62
CB MSE A 151 -10.55 5.24 2.57
CG MSE A 151 -12.02 5.63 2.31
SE MSE A 151 -12.06 7.59 2.17
CE MSE A 151 -10.17 8.03 1.80
N ALA A 152 -10.65 3.51 5.34
CA ALA A 152 -11.32 2.74 6.39
C ALA A 152 -11.14 3.39 7.78
N ALA A 153 -9.92 3.88 8.02
CA ALA A 153 -9.60 4.57 9.28
C ALA A 153 -10.57 5.77 9.41
N ALA A 154 -10.76 6.52 8.31
CA ALA A 154 -11.68 7.70 8.34
C ALA A 154 -13.11 7.24 8.64
N MSE A 155 -13.54 6.14 8.03
CA MSE A 155 -14.86 5.59 8.38
C MSE A 155 -15.02 5.29 9.87
O MSE A 155 -16.11 5.49 10.41
CB MSE A 155 -15.17 4.35 7.55
CG MSE A 155 -15.43 4.61 6.11
SE MSE A 155 -15.68 2.89 5.18
CE MSE A 155 -17.40 2.40 6.01
N LEU A 156 -13.93 4.87 10.53
CA LEU A 156 -13.95 4.62 11.98
C LEU A 156 -13.67 5.84 12.84
N GLY A 157 -13.47 7.00 12.25
CA GLY A 157 -13.18 8.24 12.99
C GLY A 157 -11.75 8.34 13.44
N ILE A 158 -10.88 7.62 12.73
CA ILE A 158 -9.45 7.54 13.06
C ILE A 158 -8.68 8.35 12.03
N ASP A 159 -7.64 9.04 12.46
CA ASP A 159 -6.87 9.86 11.53
C ASP A 159 -5.65 9.18 11.03
N SER A 160 -5.05 9.73 9.97
CA SER A 160 -3.88 9.09 9.35
C SER A 160 -3.05 10.15 8.64
N CYS A 161 -1.82 9.80 8.30
CA CYS A 161 -0.99 10.59 7.40
C CYS A 161 -0.13 9.65 6.59
N PRO A 162 -0.20 9.77 5.24
CA PRO A 162 0.69 9.00 4.35
C PRO A 162 2.07 9.63 4.47
N ILE A 163 3.11 8.83 4.34
CA ILE A 163 4.47 9.31 4.63
C ILE A 163 5.47 8.73 3.60
N GLU A 164 6.07 9.63 2.81
CA GLU A 164 7.18 9.29 1.94
C GLU A 164 8.49 9.94 2.42
N GLY A 165 8.40 10.85 3.38
CA GLY A 165 9.55 11.69 3.83
C GLY A 165 10.55 10.99 4.76
N TYR A 166 11.31 10.06 4.18
CA TYR A 166 12.39 9.37 4.87
C TYR A 166 13.41 8.99 3.78
N ASP A 167 14.64 8.72 4.21
CA ASP A 167 15.70 8.34 3.31
C ASP A 167 15.61 6.83 3.13
N GLN A 168 15.25 6.38 1.94
CA GLN A 168 14.93 4.97 1.71
C GLN A 168 16.14 4.07 1.93
N GLU A 169 17.32 4.58 1.59
CA GLU A 169 18.54 3.79 1.76
C GLU A 169 18.87 3.58 3.24
N LYS A 170 18.84 4.64 4.03
CA LYS A 170 19.13 4.50 5.45
C LYS A 170 18.08 3.67 6.21
N VAL A 171 16.82 3.89 5.86
CA VAL A 171 15.74 3.08 6.44
C VAL A 171 15.90 1.59 6.11
N GLU A 172 16.18 1.28 4.84
CA GLU A 172 16.31 -0.11 4.46
C GLU A 172 17.57 -0.75 5.11
N ALA A 173 18.66 0.02 5.20
CA ALA A 173 19.86 -0.47 5.90
C ALA A 173 19.52 -0.80 7.35
N TYR A 174 18.72 0.08 7.95
CA TYR A 174 18.31 -0.05 9.32
C TYR A 174 17.49 -1.30 9.55
N LEU A 175 16.39 -1.41 8.81
CA LEU A 175 15.52 -2.58 8.88
C LEU A 175 16.27 -3.90 8.65
N GLU A 176 17.18 -3.89 7.66
CA GLU A 176 17.95 -5.08 7.30
C GLU A 176 18.84 -5.46 8.50
N GLU A 177 19.42 -4.45 9.13
CA GLU A 177 20.31 -4.64 10.26
C GLU A 177 19.57 -5.28 11.45
N LYS A 178 18.34 -4.82 11.70
CA LYS A 178 17.46 -5.37 12.75
C LYS A 178 16.81 -6.71 12.39
N GLY A 179 16.97 -7.14 11.15
CA GLY A 179 16.47 -8.41 10.70
C GLY A 179 15.00 -8.42 10.32
N TYR A 180 14.46 -7.27 9.91
CA TYR A 180 13.04 -7.18 9.54
C TYR A 180 12.86 -6.84 8.06
N LEU A 181 13.95 -6.87 7.31
CA LEU A 181 13.90 -6.65 5.89
C LEU A 181 14.93 -7.52 5.22
N ASN A 182 14.46 -8.41 4.36
CA ASN A 182 15.34 -9.12 3.45
C ASN A 182 15.35 -8.33 2.15
N THR A 183 16.43 -7.59 1.88
CA THR A 183 16.52 -6.66 0.77
C THR A 183 16.57 -7.31 -0.63
N ALA A 184 16.78 -8.63 -0.66
CA ALA A 184 16.73 -9.41 -1.89
C ALA A 184 15.26 -9.57 -2.35
N GLU A 185 14.37 -9.71 -1.35
CA GLU A 185 12.97 -10.06 -1.53
C GLU A 185 12.03 -8.85 -1.51
N PHE A 186 12.38 -7.82 -0.72
CA PHE A 186 11.50 -6.65 -0.48
C PHE A 186 12.29 -5.36 -0.52
N GLY A 187 11.56 -4.27 -0.77
CA GLY A 187 12.09 -2.94 -0.53
C GLY A 187 11.03 -2.17 0.23
N VAL A 188 11.42 -1.09 0.90
CA VAL A 188 10.40 -0.24 1.53
C VAL A 188 9.69 0.55 0.44
N SER A 189 8.36 0.57 0.54
CA SER A 189 7.52 1.22 -0.47
C SER A 189 7.03 2.59 -0.03
N VAL A 190 6.42 2.65 1.15
CA VAL A 190 5.82 3.91 1.65
C VAL A 190 5.50 3.66 3.13
N MSE A 191 5.18 4.70 3.87
CA MSE A 191 4.74 4.53 5.26
C MSE A 191 3.44 5.30 5.50
O MSE A 191 3.02 6.11 4.69
CB MSE A 191 5.82 5.00 6.25
CG MSE A 191 7.20 4.42 5.98
SE MSE A 191 8.45 5.16 7.30
CE MSE A 191 10.07 4.33 6.55
N ALA A 192 2.77 5.00 6.59
CA ALA A 192 1.63 5.79 7.05
C ALA A 192 1.57 5.69 8.54
N CYS A 193 1.07 6.74 9.17
CA CYS A 193 0.77 6.66 10.60
C CYS A 193 -0.70 6.82 10.82
N PHE A 194 -1.17 6.29 11.94
CA PHE A 194 -2.61 6.28 12.25
C PHE A 194 -2.76 6.68 13.71
N GLY A 195 -3.82 7.40 14.02
CA GLY A 195 -4.15 7.75 15.41
C GLY A 195 -5.29 8.74 15.45
N TYR A 196 -5.38 9.49 16.54
CA TYR A 196 -6.42 10.54 16.64
C TYR A 196 -5.83 11.93 16.63
N ARG A 197 -6.40 12.79 15.77
CA ARG A 197 -5.88 14.13 15.57
C ARG A 197 -6.02 14.97 16.84
N ASN A 198 -5.09 15.88 17.03
CA ASN A 198 -5.20 16.87 18.09
C ASN A 198 -5.15 18.28 17.51
N GLN A 199 -5.73 18.43 16.31
CA GLN A 199 -5.77 19.71 15.60
C GLN A 199 -7.05 19.74 14.79
N GLU A 200 -7.39 20.90 14.24
CA GLU A 200 -8.56 20.99 13.37
C GLU A 200 -8.29 20.25 12.05
N ILE A 201 -9.35 19.80 11.39
CA ILE A 201 -9.23 19.24 10.05
C ILE A 201 -8.76 20.30 9.07
N THR A 202 -7.64 20.05 8.37
CA THR A 202 -7.06 21.01 7.43
C THR A 202 -7.98 21.11 6.22
N PRO A 203 -8.48 22.33 5.89
CA PRO A 203 -9.36 22.42 4.71
C PRO A 203 -8.63 21.98 3.42
N LYS A 204 -9.35 21.36 2.49
CA LYS A 204 -8.76 20.87 1.25
C LYS A 204 -8.40 22.03 0.34
N THR A 205 -7.24 21.94 -0.30
CA THR A 205 -6.93 22.78 -1.44
C THR A 205 -6.58 21.86 -2.59
N ARG A 206 -7.32 21.98 -3.67
CA ARG A 206 -7.12 21.11 -4.85
C ARG A 206 -7.34 21.92 -6.11
N TRP A 207 -6.82 21.44 -7.26
CA TRP A 207 -7.25 21.97 -8.55
C TRP A 207 -8.77 21.87 -8.68
N LYS A 208 -9.37 22.80 -9.40
CA LYS A 208 -10.82 22.70 -9.78
C LYS A 208 -11.03 21.55 -10.76
N THR A 209 -12.25 21.03 -10.76
CA THR A 209 -12.62 19.84 -11.56
C THR A 209 -12.08 19.86 -12.99
N GLU A 210 -12.31 20.97 -13.72
CA GLU A 210 -11.97 21.13 -15.16
C GLU A 210 -10.49 20.97 -15.41
N VAL A 211 -9.70 21.23 -14.39
CA VAL A 211 -8.25 21.09 -14.54
C VAL A 211 -7.77 19.60 -14.47
N ILE A 212 -8.41 18.78 -13.61
CA ILE A 212 -7.94 17.42 -13.36
C ILE A 212 -8.88 16.33 -13.90
N TYR A 213 -9.88 16.73 -14.69
CA TYR A 213 -10.86 15.78 -15.20
C TYR A 213 -11.42 16.26 -16.52
N GLU A 214 -11.45 15.37 -17.50
CA GLU A 214 -12.01 15.74 -18.80
C GLU A 214 -12.75 14.55 -19.46
N VAL A 215 -13.85 14.85 -20.14
CA VAL A 215 -14.60 13.81 -20.82
C VAL A 215 -14.10 13.75 -22.29
N ILE A 216 -13.76 12.55 -22.75
CA ILE A 216 -13.38 12.36 -24.13
C ILE A 216 -14.70 12.17 -24.89
N GLU A 217 -14.94 13.13 -25.80
CA GLU A 217 -16.18 13.26 -26.57
C GLU A 217 -17.42 13.26 -25.68
N1 FMN B . 3.06 14.70 4.79
C2 FMN B . 4.15 14.87 5.63
O2 FMN B . 4.12 15.76 6.47
N3 FMN B . 5.28 14.10 5.51
C4 FMN B . 5.34 13.14 4.52
O4 FMN B . 6.29 12.36 4.51
C4A FMN B . 4.25 12.99 3.65
N5 FMN B . 4.29 12.05 2.65
C5A FMN B . 3.19 11.81 1.85
C6 FMN B . 3.31 10.80 0.87
C7 FMN B . 2.19 10.56 0.05
C7M FMN B . 2.16 9.26 -0.71
C8 FMN B . 1.01 11.33 0.15
C8M FMN B . -0.27 10.85 -0.54
C9 FMN B . 0.93 12.32 1.11
C9A FMN B . 2.03 12.58 1.96
N10 FMN B . 1.99 13.59 2.93
C10 FMN B . 3.09 13.76 3.80
C1' FMN B . 0.78 14.47 3.12
C2' FMN B . 0.53 15.38 1.91
O2' FMN B . 1.22 16.59 2.10
C3' FMN B . -1.00 15.62 1.85
O3' FMN B . -1.67 14.40 1.63
C4' FMN B . -1.46 16.56 0.75
O4' FMN B . -0.93 17.85 1.03
C5' FMN B . -2.99 16.66 0.59
O5' FMN B . -3.52 17.12 1.85
P FMN B . -4.60 16.23 2.62
O1P FMN B . -3.99 14.86 2.76
O2P FMN B . -4.79 16.90 3.99
O3P FMN B . -5.90 16.19 1.85
#